data_4FNY
#
_entry.id   4FNY
#
_cell.length_a   52.454
_cell.length_b   56.492
_cell.length_c   102.060
_cell.angle_alpha   90.000
_cell.angle_beta   90.000
_cell.angle_gamma   90.000
#
_symmetry.space_group_name_H-M   'P 21 21 21'
#
loop_
_entity.id
_entity.type
_entity.pdbx_description
1 polymer 'ALK tyrosine kinase receptor'
2 non-polymer N-(4-chlorophenyl)-5-[(6,7-dimethoxyquinolin-4-yl)oxy]-1,3-benzoxazol-2-amine
3 water water
#
_entity_poly.entity_id   1
_entity_poly.type   'polypeptide(L)'
_entity_poly.pdbx_seq_one_letter_code
;RTSTIMTDYNPNYSFAGKTSSISDLKEVPRKNITLIRGLGHGAFGEVYEGQVSGMPNDPSPLQVAVKTLPEVCSEQDELD
FLMEALIISKFNHQNIVRCIGVSLQSLPRFILLELMAGGDLKSFLRETRPRPSQPSSLAMLDLLHVARDIACGCQYLEEN
HFIHRDIAARNCLLTCPGPGRVAKIGDFGMAQDIYRASYYRKGGCAMLPVKWMPPEAFMEGIFTSKTDTWSFGVLLWEIF
SLGYMPYPSKSNQEVLEFVTSGGRMDPPKNCPGPVYRIMTQCWQHQPEDRPNFAIILERIEYCTQDPDVINTALPIEYGP
LVEEEEK
;
_entity_poly.pdbx_strand_id   A
#
loop_
_chem_comp.id
_chem_comp.type
_chem_comp.name
_chem_comp.formula
I3K non-polymer N-(4-chlorophenyl)-5-[(6,7-dimethoxyquinolin-4-yl)oxy]-1,3-benzoxazol-2-amine 'C24 H18 Cl N3 O4'
#
# COMPACT_ATOMS: atom_id res chain seq x y z
N SER A 20 1.96 23.35 -6.49
CA SER A 20 0.52 23.01 -6.21
C SER A 20 -0.15 24.11 -5.41
N SER A 21 -1.06 24.83 -6.05
CA SER A 21 -1.82 25.90 -5.40
C SER A 21 -3.17 25.36 -4.90
N ILE A 22 -3.74 25.99 -3.88
CA ILE A 22 -5.09 25.63 -3.43
C ILE A 22 -6.05 25.73 -4.60
N SER A 23 -5.80 26.71 -5.47
CA SER A 23 -6.47 26.84 -6.77
C SER A 23 -6.69 25.50 -7.47
N ASP A 24 -5.74 24.58 -7.35
CA ASP A 24 -5.84 23.27 -7.98
C ASP A 24 -6.87 22.35 -7.32
N LEU A 25 -7.09 22.53 -6.02
CA LEU A 25 -8.05 21.71 -5.29
C LEU A 25 -9.46 22.08 -5.74
N LYS A 26 -10.29 21.06 -6.00
CA LYS A 26 -11.64 21.28 -6.48
C LYS A 26 -12.57 21.32 -5.27
N GLU A 27 -13.10 22.49 -4.94
CA GLU A 27 -13.94 22.63 -3.75
C GLU A 27 -15.35 22.15 -4.06
N VAL A 28 -15.82 21.19 -3.26
CA VAL A 28 -17.14 20.66 -3.43
C VAL A 28 -18.02 21.25 -2.32
N PRO A 29 -19.08 22.01 -2.70
CA PRO A 29 -19.95 22.62 -1.69
C PRO A 29 -20.54 21.55 -0.77
N ARG A 30 -20.49 21.80 0.54
CA ARG A 30 -20.87 20.82 1.55
C ARG A 30 -22.28 20.21 1.36
N LYS A 31 -23.23 21.01 0.87
CA LYS A 31 -24.59 20.53 0.61
C LYS A 31 -24.63 19.32 -0.34
N ASN A 32 -23.67 19.25 -1.25
CA ASN A 32 -23.61 18.15 -2.21
C ASN A 32 -23.01 16.85 -1.67
N ILE A 33 -22.48 16.87 -0.45
CA ILE A 33 -21.79 15.71 0.12
C ILE A 33 -22.60 15.01 1.21
N THR A 34 -22.78 13.71 1.08
CA THR A 34 -23.50 12.91 2.05
C THR A 34 -22.68 11.70 2.51
N LEU A 35 -22.51 11.57 3.81
CA LEU A 35 -21.80 10.44 4.40
C LEU A 35 -22.76 9.26 4.59
N ILE A 36 -22.42 8.13 3.98
CA ILE A 36 -23.26 6.93 3.99
C ILE A 36 -22.92 5.97 5.14
N ARG A 37 -21.64 5.61 5.25
CA ARG A 37 -21.20 4.69 6.30
C ARG A 37 -19.73 4.91 6.61
N GLY A 38 -19.31 4.49 7.80
CA GLY A 38 -17.91 4.54 8.20
C GLY A 38 -17.14 3.43 7.54
N LEU A 39 -15.85 3.65 7.30
CA LEU A 39 -14.98 2.64 6.72
C LEU A 39 -13.80 2.27 7.61
N GLY A 40 -13.17 3.26 8.22
CA GLY A 40 -11.89 3.07 8.93
C GLY A 40 -11.85 3.66 10.33
N HIS A 41 -11.55 2.78 11.30
CA HIS A 41 -11.59 3.13 12.71
C HIS A 41 -10.41 3.99 13.09
N GLY A 45 -8.14 11.50 12.48
CA GLY A 45 -9.27 11.52 11.55
C GLY A 45 -9.87 10.15 11.29
N GLU A 46 -10.98 10.14 10.53
CA GLU A 46 -11.71 8.92 10.21
C GLU A 46 -12.00 8.86 8.70
N VAL A 47 -12.46 7.71 8.23
CA VAL A 47 -12.75 7.52 6.81
C VAL A 47 -14.18 6.99 6.64
N TYR A 48 -14.90 7.57 5.69
CA TYR A 48 -16.29 7.21 5.45
C TYR A 48 -16.49 6.99 3.98
N GLU A 49 -17.50 6.20 3.62
CA GLU A 49 -18.00 6.17 2.26
C GLU A 49 -19.01 7.29 2.16
N GLY A 50 -19.00 7.98 1.04
CA GLY A 50 -19.87 9.13 0.83
C GLY A 50 -20.40 9.27 -0.58
N GLN A 51 -21.17 10.34 -0.81
CA GLN A 51 -21.83 10.54 -2.10
C GLN A 51 -21.80 12.01 -2.47
N VAL A 52 -21.53 12.30 -3.76
CA VAL A 52 -21.50 13.68 -4.27
C VAL A 52 -22.48 13.83 -5.42
N SER A 53 -23.46 14.73 -5.25
CA SER A 53 -24.47 14.99 -6.27
C SER A 53 -24.15 16.26 -7.05
N GLY A 54 -24.39 16.22 -8.38
CA GLY A 54 -24.09 17.33 -9.27
C GLY A 54 -25.22 18.31 -9.39
N PRO A 61 -24.90 9.68 -9.43
CA PRO A 61 -24.38 10.32 -8.22
C PRO A 61 -23.07 9.68 -7.75
N LEU A 62 -22.01 10.48 -7.70
CA LEU A 62 -20.64 9.98 -7.52
C LEU A 62 -20.38 9.26 -6.19
N GLN A 63 -19.65 8.14 -6.28
CA GLN A 63 -19.26 7.33 -5.12
C GLN A 63 -17.86 7.67 -4.67
N VAL A 64 -17.73 8.17 -3.44
CA VAL A 64 -16.45 8.66 -2.94
C VAL A 64 -16.10 8.07 -1.59
N ALA A 65 -14.82 8.15 -1.25
CA ALA A 65 -14.35 7.92 0.11
C ALA A 65 -13.95 9.29 0.66
N VAL A 66 -14.30 9.55 1.92
CA VAL A 66 -14.05 10.82 2.56
C VAL A 66 -13.10 10.69 3.74
N LYS A 67 -12.06 11.51 3.76
CA LYS A 67 -11.22 11.64 4.93
C LYS A 67 -11.57 12.93 5.64
N THR A 68 -11.86 12.84 6.95
CA THR A 68 -12.21 13.99 7.75
C THR A 68 -11.03 14.45 8.57
N LEU A 69 -10.97 15.75 8.83
CA LEU A 69 -10.10 16.35 9.84
C LEU A 69 -10.98 16.53 11.08
N PRO A 70 -10.52 16.06 12.26
CA PRO A 70 -11.25 16.35 13.51
C PRO A 70 -11.40 17.86 13.75
N GLU A 71 -12.58 18.31 14.17
CA GLU A 71 -12.79 19.74 14.46
C GLU A 71 -11.80 20.28 15.51
N VAL A 72 -11.57 19.51 16.57
CA VAL A 72 -10.55 19.86 17.57
C VAL A 72 -9.19 19.35 17.11
N CYS A 73 -8.32 20.26 16.68
CA CYS A 73 -7.03 19.89 16.11
C CYS A 73 -6.02 21.03 16.16
N SER A 74 -4.75 20.68 15.95
CA SER A 74 -3.65 21.65 15.99
C SER A 74 -3.68 22.56 14.77
N GLU A 75 -2.88 23.62 14.84
CA GLU A 75 -2.63 24.48 13.68
C GLU A 75 -1.78 23.71 12.68
N GLN A 76 -0.93 22.83 13.20
CA GLN A 76 -0.10 21.95 12.37
C GLN A 76 -0.93 20.82 11.74
N ASP A 77 -1.97 20.35 12.43
CA ASP A 77 -2.90 19.36 11.85
C ASP A 77 -3.58 19.93 10.60
N GLU A 78 -3.95 21.21 10.67
CA GLU A 78 -4.56 21.91 9.53
C GLU A 78 -3.60 21.97 8.34
N LEU A 79 -2.34 22.27 8.61
CA LEU A 79 -1.33 22.33 7.57
C LEU A 79 -1.16 20.96 6.92
N ASP A 80 -1.06 19.91 7.73
CA ASP A 80 -0.94 18.53 7.24
C ASP A 80 -2.08 18.08 6.33
N PHE A 81 -3.30 18.40 6.74
CA PHE A 81 -4.52 18.04 6.01
C PHE A 81 -4.50 18.69 4.64
N LEU A 82 -4.24 20.00 4.62
CA LEU A 82 -4.11 20.73 3.36
C LEU A 82 -3.02 20.11 2.53
N MET A 83 -1.89 19.84 3.16
CA MET A 83 -0.69 19.34 2.47
C MET A 83 -0.96 17.98 1.83
N GLU A 84 -1.64 17.10 2.56
CA GLU A 84 -2.01 15.80 2.00
C GLU A 84 -2.89 15.97 0.76
N ALA A 85 -3.89 16.85 0.85
CA ALA A 85 -4.75 17.15 -0.30
C ALA A 85 -3.94 17.69 -1.48
N LEU A 86 -3.02 18.61 -1.20
CA LEU A 86 -2.20 19.20 -2.24
C LEU A 86 -1.33 18.14 -2.95
N ILE A 87 -0.71 17.26 -2.15
CA ILE A 87 0.19 16.21 -2.65
C ILE A 87 -0.56 15.10 -3.39
N ILE A 88 -1.64 14.62 -2.81
CA ILE A 88 -2.42 13.56 -3.45
C ILE A 88 -3.01 14.07 -4.78
N SER A 89 -3.43 15.34 -4.80
CA SER A 89 -4.11 15.92 -5.95
C SER A 89 -3.20 16.11 -7.16
N LYS A 90 -1.91 16.33 -6.94
CA LYS A 90 -0.99 16.51 -8.07
C LYS A 90 -0.59 15.21 -8.75
N PHE A 91 -0.83 14.06 -8.10
CA PHE A 91 -0.50 12.76 -8.72
C PHE A 91 -1.53 12.33 -9.78
N ASN A 92 -1.05 12.05 -10.99
CA ASN A 92 -1.91 11.48 -12.03
C ASN A 92 -1.36 10.13 -12.46
N HIS A 93 -1.84 9.07 -11.82
CA HIS A 93 -1.40 7.72 -12.19
C HIS A 93 -2.42 6.67 -11.89
N GLN A 94 -2.46 5.66 -12.75
CA GLN A 94 -3.47 4.59 -12.70
C GLN A 94 -3.41 3.70 -11.43
N ASN A 95 -2.26 3.64 -10.76
CA ASN A 95 -2.08 2.83 -9.56
C ASN A 95 -1.80 3.62 -8.25
N ILE A 96 -2.22 4.88 -8.23
CA ILE A 96 -2.23 5.69 -7.03
C ILE A 96 -3.65 6.23 -6.87
N VAL A 97 -4.20 6.06 -5.68
CA VAL A 97 -5.55 6.51 -5.37
C VAL A 97 -5.71 8.00 -5.66
N ARG A 98 -6.76 8.33 -6.40
CA ARG A 98 -6.98 9.70 -6.85
C ARG A 98 -7.74 10.53 -5.82
N CYS A 99 -7.32 11.78 -5.66
CA CYS A 99 -8.11 12.74 -4.93
C CYS A 99 -9.03 13.43 -5.90
N ILE A 100 -10.31 13.33 -5.60
CA ILE A 100 -11.40 13.75 -6.47
C ILE A 100 -11.89 15.16 -6.14
N GLY A 101 -11.46 15.69 -5.01
CA GLY A 101 -11.88 17.01 -4.58
C GLY A 101 -11.68 17.16 -3.08
N VAL A 102 -12.05 18.33 -2.59
CA VAL A 102 -11.93 18.64 -1.18
C VAL A 102 -13.16 19.41 -0.76
N SER A 103 -13.34 19.53 0.55
CA SER A 103 -14.35 20.39 1.14
C SER A 103 -13.72 20.97 2.40
N LEU A 104 -12.97 22.05 2.21
CA LEU A 104 -12.16 22.67 3.26
C LEU A 104 -12.78 23.95 3.83
N GLN A 105 -13.88 24.42 3.25
CA GLN A 105 -14.50 25.68 3.71
C GLN A 105 -15.63 25.44 4.74
N SER A 106 -15.95 24.17 5.02
CA SER A 106 -16.88 23.82 6.09
C SER A 106 -16.19 22.90 7.09
N LEU A 107 -16.73 22.86 8.31
CA LEU A 107 -16.25 21.99 9.37
C LEU A 107 -17.23 20.84 9.58
N PRO A 108 -16.74 19.61 9.78
CA PRO A 108 -15.34 19.17 9.72
C PRO A 108 -14.87 19.06 8.28
N ARG A 109 -13.59 19.33 8.04
CA ARG A 109 -13.05 19.42 6.67
C ARG A 109 -12.88 18.05 6.02
N PHE A 110 -13.19 17.98 4.72
CA PHE A 110 -13.11 16.74 3.95
C PHE A 110 -12.07 16.80 2.85
N ILE A 111 -11.39 15.68 2.66
CA ILE A 111 -10.66 15.39 1.43
C ILE A 111 -11.43 14.23 0.79
N LEU A 112 -11.76 14.37 -0.49
CA LEU A 112 -12.54 13.38 -1.20
C LEU A 112 -11.65 12.55 -2.12
N LEU A 113 -11.71 11.23 -1.95
CA LEU A 113 -10.95 10.30 -2.77
C LEU A 113 -11.90 9.34 -3.50
N GLU A 114 -11.47 8.81 -4.64
CA GLU A 114 -12.20 7.76 -5.35
C GLU A 114 -12.48 6.59 -4.40
N LEU A 115 -13.69 6.06 -4.42
CA LEU A 115 -14.04 4.91 -3.58
C LEU A 115 -13.46 3.64 -4.19
N MET A 116 -12.65 2.94 -3.40
CA MET A 116 -12.05 1.69 -3.83
C MET A 116 -12.84 0.55 -3.21
N ALA A 117 -13.81 0.04 -3.97
CA ALA A 117 -14.83 -0.90 -3.49
C ALA A 117 -14.27 -2.22 -2.97
N GLY A 118 -13.11 -2.63 -3.47
CA GLY A 118 -12.47 -3.88 -3.03
C GLY A 118 -11.88 -3.83 -1.64
N GLY A 119 -11.73 -2.64 -1.06
CA GLY A 119 -11.17 -2.51 0.28
C GLY A 119 -9.65 -2.61 0.28
N ASP A 120 -9.08 -2.73 1.46
CA ASP A 120 -7.63 -2.85 1.61
C ASP A 120 -7.15 -4.26 1.22
N LEU A 121 -5.89 -4.34 0.75
CA LEU A 121 -5.31 -5.58 0.22
C LEU A 121 -5.12 -6.65 1.30
N LYS A 122 -4.70 -6.24 2.49
CA LYS A 122 -4.50 -7.19 3.58
C LYS A 122 -5.78 -7.95 3.91
N SER A 123 -6.89 -7.24 4.11
CA SER A 123 -8.17 -7.89 4.38
C SER A 123 -8.51 -8.81 3.22
N PHE A 124 -8.36 -8.30 2.00
CA PHE A 124 -8.67 -9.07 0.82
C PHE A 124 -7.89 -10.38 0.70
N LEU A 125 -6.58 -10.33 0.97
CA LEU A 125 -5.74 -11.54 0.92
C LEU A 125 -6.22 -12.55 1.95
N ARG A 126 -6.54 -12.05 3.15
CA ARG A 126 -7.01 -12.88 4.26
C ARG A 126 -8.39 -13.52 4.01
N GLU A 127 -9.33 -12.74 3.47
CA GLU A 127 -10.71 -13.20 3.25
C GLU A 127 -10.82 -14.12 2.03
N THR A 128 -9.87 -14.01 1.11
CA THR A 128 -9.94 -14.76 -0.15
C THR A 128 -8.94 -15.93 -0.23
N ARG A 129 -8.27 -16.24 0.88
CA ARG A 129 -7.42 -17.44 0.95
C ARG A 129 -8.17 -18.68 0.49
N PRO A 130 -7.54 -19.50 -0.37
CA PRO A 130 -8.23 -20.71 -0.82
C PRO A 130 -8.59 -21.63 0.33
N ARG A 131 -9.82 -22.13 0.31
CA ARG A 131 -10.28 -23.14 1.24
C ARG A 131 -10.75 -24.34 0.42
N PRO A 132 -10.96 -25.50 1.06
CA PRO A 132 -11.42 -26.68 0.31
C PRO A 132 -12.85 -26.54 -0.25
N SER A 137 -10.16 -19.77 -5.82
CA SER A 137 -10.37 -18.34 -5.58
C SER A 137 -9.29 -17.49 -6.24
N LEU A 138 -8.08 -17.53 -5.68
CA LEU A 138 -6.95 -16.76 -6.21
C LEU A 138 -5.92 -17.69 -6.79
N ALA A 139 -5.30 -17.27 -7.89
CA ALA A 139 -4.17 -17.97 -8.47
C ALA A 139 -2.93 -17.08 -8.39
N MET A 140 -1.76 -17.66 -8.65
CA MET A 140 -0.53 -16.90 -8.78
C MET A 140 -0.61 -15.65 -9.64
N LEU A 141 -1.22 -15.77 -10.80
CA LEU A 141 -1.27 -14.68 -11.76
C LEU A 141 -2.00 -13.47 -11.14
N ASP A 142 -2.97 -13.73 -10.28
CA ASP A 142 -3.69 -12.67 -9.58
C ASP A 142 -2.80 -11.93 -8.57
N LEU A 143 -1.93 -12.66 -7.89
CA LEU A 143 -1.02 -12.07 -6.92
C LEU A 143 0.02 -11.26 -7.65
N LEU A 144 0.52 -11.80 -8.76
CA LEU A 144 1.56 -11.16 -9.54
C LEU A 144 1.07 -9.84 -10.12
N HIS A 145 -0.21 -9.79 -10.51
CA HIS A 145 -0.82 -8.57 -11.06
C HIS A 145 -0.97 -7.49 -10.03
N VAL A 146 -1.37 -7.85 -8.81
CA VAL A 146 -1.38 -6.88 -7.72
C VAL A 146 0.06 -6.34 -7.50
N ALA A 147 1.04 -7.25 -7.39
CA ALA A 147 2.44 -6.86 -7.24
C ALA A 147 2.90 -5.87 -8.32
N ARG A 148 2.63 -6.20 -9.58
CA ARG A 148 2.92 -5.31 -10.70
C ARG A 148 2.20 -3.97 -10.55
N ASP A 149 0.92 -3.99 -10.17
CA ASP A 149 0.17 -2.75 -10.00
C ASP A 149 0.88 -1.82 -9.02
N ILE A 150 1.26 -2.35 -7.86
CA ILE A 150 1.88 -1.53 -6.82
C ILE A 150 3.31 -1.09 -7.21
N ALA A 151 4.05 -2.01 -7.84
CA ALA A 151 5.38 -1.68 -8.35
C ALA A 151 5.27 -0.53 -9.37
N CYS A 152 4.26 -0.60 -10.21
CA CYS A 152 3.99 0.43 -11.20
C CYS A 152 3.67 1.79 -10.53
N GLY A 153 2.89 1.76 -9.46
CA GLY A 153 2.64 2.96 -8.66
C GLY A 153 3.89 3.49 -7.95
N CYS A 154 4.68 2.59 -7.39
CA CYS A 154 5.93 2.98 -6.73
C CYS A 154 6.94 3.60 -7.72
N GLN A 155 7.02 3.09 -8.94
CA GLN A 155 7.90 3.66 -9.97
C GLN A 155 7.55 5.12 -10.25
N TYR A 156 6.26 5.39 -10.37
CA TYR A 156 5.74 6.73 -10.59
C TYR A 156 6.06 7.67 -9.43
N LEU A 157 5.96 7.18 -8.18
CA LEU A 157 6.35 7.98 -7.02
C LEU A 157 7.84 8.27 -6.99
N GLU A 158 8.64 7.26 -7.32
CA GLU A 158 10.09 7.43 -7.44
C GLU A 158 10.44 8.46 -8.53
N GLU A 159 9.81 8.36 -9.70
CA GLU A 159 10.01 9.34 -10.80
C GLU A 159 9.67 10.78 -10.38
N ASN A 160 8.69 10.94 -9.50
CA ASN A 160 8.31 12.25 -8.94
C ASN A 160 8.90 12.54 -7.56
N HIS A 161 9.94 11.78 -7.20
CA HIS A 161 10.71 11.96 -5.97
C HIS A 161 9.87 12.09 -4.73
N PHE A 162 8.86 11.25 -4.61
CA PHE A 162 8.03 11.23 -3.43
C PHE A 162 8.40 9.96 -2.67
N ILE A 163 8.70 10.10 -1.37
CA ILE A 163 8.97 8.95 -0.53
C ILE A 163 7.74 8.66 0.31
N HIS A 164 7.12 7.51 0.05
CA HIS A 164 5.90 7.08 0.74
C HIS A 164 6.16 6.76 2.19
N ARG A 165 7.19 5.96 2.46
CA ARG A 165 7.60 5.61 3.85
C ARG A 165 6.73 4.58 4.59
N ASP A 166 5.70 4.05 3.95
CA ASP A 166 4.88 3.01 4.58
C ASP A 166 4.16 2.15 3.55
N ILE A 167 4.89 1.72 2.53
CA ILE A 167 4.40 0.75 1.56
C ILE A 167 4.16 -0.54 2.35
N ALA A 168 2.92 -0.99 2.35
CA ALA A 168 2.52 -2.16 3.13
C ALA A 168 1.15 -2.59 2.64
N ALA A 169 0.80 -3.84 2.88
CA ALA A 169 -0.47 -4.35 2.35
C ALA A 169 -1.67 -3.58 2.89
N ARG A 170 -1.63 -3.21 4.17
CA ARG A 170 -2.71 -2.43 4.82
C ARG A 170 -2.96 -1.09 4.12
N ASN A 171 -1.95 -0.57 3.43
CA ASN A 171 -2.07 0.70 2.71
C ASN A 171 -2.41 0.58 1.23
N CYS A 172 -2.48 -0.64 0.69
CA CYS A 172 -2.88 -0.84 -0.70
C CYS A 172 -4.38 -1.10 -0.78
N LEU A 173 -4.98 -0.64 -1.87
CA LEU A 173 -6.43 -0.70 -2.03
C LEU A 173 -6.77 -1.32 -3.38
N LEU A 174 -7.95 -1.92 -3.46
CA LEU A 174 -8.40 -2.61 -4.66
C LEU A 174 -9.68 -1.98 -5.18
N THR A 175 -9.81 -1.90 -6.50
CA THR A 175 -10.99 -1.29 -7.12
C THR A 175 -12.25 -2.15 -6.98
N CYS A 176 -12.06 -3.46 -6.96
CA CYS A 176 -13.15 -4.41 -6.83
C CYS A 176 -12.56 -5.76 -6.43
N PRO A 177 -13.41 -6.71 -5.98
CA PRO A 177 -12.90 -8.03 -5.60
C PRO A 177 -12.70 -9.00 -6.77
N GLY A 178 -13.40 -8.77 -7.88
CA GLY A 178 -13.40 -9.68 -9.03
C GLY A 178 -12.11 -9.76 -9.83
N PRO A 179 -12.06 -10.70 -10.80
CA PRO A 179 -10.92 -10.91 -11.71
C PRO A 179 -10.35 -9.67 -12.43
N GLY A 180 -11.13 -8.61 -12.61
CA GLY A 180 -10.63 -7.38 -13.25
C GLY A 180 -10.07 -6.31 -12.32
N ARG A 181 -9.74 -6.69 -11.08
CA ARG A 181 -9.35 -5.74 -10.04
C ARG A 181 -8.04 -5.01 -10.33
N VAL A 182 -7.92 -3.78 -9.85
CA VAL A 182 -6.70 -3.01 -9.94
C VAL A 182 -6.30 -2.56 -8.52
N ALA A 183 -5.03 -2.76 -8.16
CA ALA A 183 -4.54 -2.32 -6.85
C ALA A 183 -3.92 -0.93 -6.98
N LYS A 184 -4.14 -0.09 -5.97
CA LYS A 184 -3.58 1.26 -5.95
C LYS A 184 -2.94 1.53 -4.60
N ILE A 185 -1.97 2.43 -4.59
CA ILE A 185 -1.31 2.85 -3.34
C ILE A 185 -2.12 3.92 -2.62
N GLY A 186 -2.33 3.73 -1.32
CA GLY A 186 -2.97 4.73 -0.47
C GLY A 186 -2.08 5.00 0.74
N ASP A 187 -2.65 5.64 1.75
CA ASP A 187 -1.97 5.82 3.03
C ASP A 187 -2.99 6.18 4.09
N PHE A 188 -3.04 5.37 5.15
CA PHE A 188 -3.97 5.62 6.26
C PHE A 188 -3.28 6.37 7.39
N CYS A 205 11.79 4.33 20.01
CA CYS A 205 10.36 4.42 19.77
C CYS A 205 9.77 3.06 19.38
N ALA A 206 8.52 2.82 19.79
CA ALA A 206 7.84 1.55 19.52
C ALA A 206 6.62 1.74 18.60
N MET A 207 6.60 2.85 17.87
CA MET A 207 5.51 3.18 16.94
C MET A 207 5.85 2.87 15.50
N LEU A 208 7.14 2.88 15.19
CA LEU A 208 7.62 2.77 13.81
C LEU A 208 7.27 1.40 13.25
N PRO A 209 6.81 1.32 11.99
CA PRO A 209 6.54 0.01 11.40
C PRO A 209 7.84 -0.73 11.07
N VAL A 210 8.59 -1.07 12.12
CA VAL A 210 9.93 -1.66 12.02
C VAL A 210 9.99 -2.81 11.03
N LYS A 211 8.94 -3.62 11.03
CA LYS A 211 8.90 -4.80 10.20
C LYS A 211 8.89 -4.49 8.69
N TRP A 212 8.55 -3.25 8.34
CA TRP A 212 8.59 -2.79 6.92
C TRP A 212 9.77 -1.89 6.59
N MET A 213 10.65 -1.61 7.56
CA MET A 213 11.72 -0.62 7.36
C MET A 213 13.11 -1.26 7.18
N PRO A 214 13.95 -0.68 6.30
CA PRO A 214 15.34 -1.10 6.18
C PRO A 214 16.19 -0.59 7.34
N PRO A 215 17.35 -1.23 7.60
CA PRO A 215 18.18 -0.90 8.77
C PRO A 215 18.50 0.58 8.91
N GLU A 216 18.90 1.23 7.82
CA GLU A 216 19.24 2.64 7.86
C GLU A 216 18.05 3.50 8.22
N ALA A 217 16.85 3.00 7.96
CA ALA A 217 15.62 3.71 8.34
C ALA A 217 15.44 3.66 9.85
N PHE A 218 15.37 2.46 10.44
CA PHE A 218 15.11 2.37 11.89
C PHE A 218 16.34 2.62 12.77
N MET A 219 17.54 2.38 12.28
CA MET A 219 18.75 2.71 13.07
C MET A 219 19.13 4.19 12.98
N GLU A 220 18.91 4.76 11.81
CA GLU A 220 19.61 5.98 11.42
C GLU A 220 18.67 7.08 10.94
N GLY A 221 17.36 6.79 10.82
CA GLY A 221 16.37 7.76 10.35
C GLY A 221 16.58 8.26 8.94
N ILE A 222 17.24 7.45 8.09
CA ILE A 222 17.51 7.82 6.69
C ILE A 222 16.38 7.29 5.82
N PHE A 223 15.79 8.17 5.01
CA PHE A 223 14.76 7.79 4.04
C PHE A 223 15.14 8.31 2.66
N THR A 224 15.02 7.42 1.67
CA THR A 224 15.31 7.73 0.29
C THR A 224 14.41 6.82 -0.57
N SER A 225 14.51 6.94 -1.89
CA SER A 225 13.79 6.03 -2.79
C SER A 225 14.04 4.55 -2.50
N LYS A 226 15.21 4.23 -1.95
CA LYS A 226 15.55 2.85 -1.64
C LYS A 226 14.89 2.32 -0.34
N THR A 227 14.32 3.22 0.44
CA THR A 227 13.47 2.87 1.59
C THR A 227 12.25 2.09 1.15
N ASP A 228 11.52 2.66 0.20
CA ASP A 228 10.30 2.06 -0.33
C ASP A 228 10.59 0.75 -1.08
N THR A 229 11.82 0.57 -1.58
CA THR A 229 12.19 -0.70 -2.23
C THR A 229 12.21 -1.84 -1.21
N TRP A 230 12.81 -1.57 -0.04
CA TRP A 230 12.77 -2.52 1.07
C TRP A 230 11.36 -2.83 1.47
N SER A 231 10.58 -1.79 1.77
CA SER A 231 9.18 -1.99 2.15
C SER A 231 8.41 -2.78 1.09
N PHE A 232 8.67 -2.51 -0.20
CA PHE A 232 8.04 -3.27 -1.28
C PHE A 232 8.35 -4.75 -1.17
N GLY A 233 9.59 -5.07 -0.81
CA GLY A 233 9.98 -6.45 -0.55
C GLY A 233 9.10 -7.11 0.49
N VAL A 234 8.87 -6.44 1.61
CA VAL A 234 8.04 -6.96 2.69
C VAL A 234 6.58 -7.07 2.24
N LEU A 235 6.11 -6.08 1.47
CA LEU A 235 4.78 -6.17 0.84
C LEU A 235 4.64 -7.40 -0.05
N LEU A 236 5.66 -7.65 -0.88
CA LEU A 236 5.65 -8.84 -1.73
C LEU A 236 5.42 -10.06 -0.88
N TRP A 237 6.17 -10.16 0.21
CA TRP A 237 6.00 -11.24 1.13
C TRP A 237 4.58 -11.31 1.67
N GLU A 238 4.01 -10.18 2.07
CA GLU A 238 2.62 -10.19 2.55
C GLU A 238 1.68 -10.72 1.49
N ILE A 239 1.92 -10.33 0.23
CA ILE A 239 1.06 -10.75 -0.87
C ILE A 239 1.17 -12.27 -1.05
N PHE A 240 2.39 -12.77 -1.15
CA PHE A 240 2.56 -14.19 -1.47
C PHE A 240 2.32 -15.14 -0.30
N SER A 241 2.33 -14.62 0.94
CA SER A 241 1.86 -15.40 2.09
C SER A 241 0.34 -15.38 2.22
N LEU A 242 -0.34 -14.61 1.36
CA LEU A 242 -1.80 -14.42 1.44
C LEU A 242 -2.21 -13.72 2.75
N GLY A 243 -1.45 -12.69 3.11
CA GLY A 243 -1.84 -11.78 4.18
C GLY A 243 -1.33 -12.04 5.59
N TYR A 244 -0.29 -12.88 5.73
CA TYR A 244 0.30 -13.12 7.05
C TYR A 244 1.07 -11.87 7.52
N MET A 245 1.27 -11.79 8.82
CA MET A 245 2.15 -10.79 9.43
C MET A 245 3.60 -11.17 9.14
N PRO A 246 4.41 -10.21 8.67
CA PRO A 246 5.85 -10.49 8.48
C PRO A 246 6.57 -10.83 9.79
N TYR A 247 7.68 -11.57 9.67
CA TYR A 247 8.41 -12.11 10.82
C TYR A 247 7.44 -12.76 11.82
N PRO A 248 6.75 -13.82 11.37
CA PRO A 248 5.61 -14.44 12.03
C PRO A 248 5.55 -14.33 13.57
N SER A 249 6.59 -14.79 14.26
CA SER A 249 6.56 -14.87 15.72
C SER A 249 7.50 -13.90 16.45
N LYS A 250 8.02 -12.90 15.75
CA LYS A 250 9.00 -12.02 16.33
C LYS A 250 8.42 -10.68 16.73
N SER A 251 8.92 -10.13 17.82
CA SER A 251 8.55 -8.79 18.24
C SER A 251 9.39 -7.75 17.50
N ASN A 252 9.03 -6.48 17.65
CA ASN A 252 9.75 -5.40 17.00
C ASN A 252 11.25 -5.43 17.29
N GLN A 253 11.62 -5.55 18.57
CA GLN A 253 13.03 -5.53 18.96
C GLN A 253 13.79 -6.73 18.38
N GLU A 254 13.13 -7.87 18.36
CA GLU A 254 13.66 -9.12 17.84
C GLU A 254 13.90 -9.00 16.32
N VAL A 255 12.97 -8.36 15.63
CA VAL A 255 13.11 -8.07 14.20
C VAL A 255 14.28 -7.13 13.94
N LEU A 256 14.37 -6.06 14.72
CA LEU A 256 15.49 -5.11 14.63
C LEU A 256 16.82 -5.82 14.75
N GLU A 257 16.97 -6.65 15.76
CA GLU A 257 18.24 -7.35 15.98
C GLU A 257 18.50 -8.36 14.88
N PHE A 258 17.44 -9.05 14.47
CA PHE A 258 17.52 -10.11 13.47
C PHE A 258 17.95 -9.50 12.12
N VAL A 259 17.34 -8.39 11.76
CA VAL A 259 17.57 -7.76 10.46
C VAL A 259 18.90 -6.99 10.41
N THR A 260 19.25 -6.30 11.49
CA THR A 260 20.54 -5.61 11.56
C THR A 260 21.71 -6.59 11.47
N SER A 261 21.53 -7.83 11.93
CA SER A 261 22.58 -8.84 11.79
C SER A 261 22.45 -9.76 10.56
N GLY A 262 21.73 -9.33 9.51
CA GLY A 262 21.67 -10.08 8.23
C GLY A 262 20.53 -11.09 8.07
N GLY A 263 19.67 -11.22 9.07
CA GLY A 263 18.55 -12.16 9.00
C GLY A 263 17.47 -11.70 8.03
N ARG A 264 16.84 -12.67 7.36
CA ARG A 264 15.79 -12.37 6.39
C ARG A 264 14.69 -13.41 6.48
N MET A 265 13.48 -13.01 6.15
CA MET A 265 12.37 -13.94 6.12
C MET A 265 12.64 -15.05 5.12
N ASP A 266 12.14 -16.22 5.47
CA ASP A 266 12.08 -17.36 4.58
C ASP A 266 10.96 -17.11 3.56
N PRO A 267 10.97 -17.84 2.43
CA PRO A 267 9.91 -17.58 1.48
C PRO A 267 8.56 -18.01 2.04
N PRO A 268 7.47 -17.33 1.64
CA PRO A 268 6.13 -17.82 2.03
C PRO A 268 5.84 -19.19 1.46
N LYS A 269 4.86 -19.87 2.04
CA LYS A 269 4.52 -21.24 1.63
C LYS A 269 4.25 -21.31 0.11
N ASN A 270 4.90 -22.27 -0.56
CA ASN A 270 4.79 -22.46 -2.02
C ASN A 270 5.24 -21.29 -2.89
N CYS A 271 5.94 -20.30 -2.30
CA CYS A 271 6.35 -19.13 -3.06
C CYS A 271 7.37 -19.52 -4.12
N PRO A 272 7.13 -19.15 -5.39
CA PRO A 272 8.11 -19.51 -6.41
C PRO A 272 9.43 -18.78 -6.23
N GLY A 273 10.52 -19.41 -6.64
CA GLY A 273 11.86 -18.89 -6.40
C GLY A 273 12.11 -17.51 -6.97
N PRO A 274 11.77 -17.31 -8.25
CA PRO A 274 11.99 -16.01 -8.87
C PRO A 274 11.29 -14.85 -8.16
N VAL A 275 10.14 -15.14 -7.53
CA VAL A 275 9.43 -14.16 -6.74
C VAL A 275 10.16 -13.89 -5.43
N TYR A 276 10.68 -14.95 -4.81
CA TYR A 276 11.48 -14.81 -3.60
C TYR A 276 12.77 -14.06 -3.88
N ARG A 277 13.34 -14.27 -5.07
CA ARG A 277 14.56 -13.56 -5.45
C ARG A 277 14.34 -12.06 -5.54
N ILE A 278 13.20 -11.63 -6.05
CA ILE A 278 12.86 -10.22 -6.02
C ILE A 278 12.84 -9.68 -4.57
N MET A 279 12.19 -10.42 -3.66
CA MET A 279 12.16 -10.02 -2.25
C MET A 279 13.56 -9.85 -1.67
N THR A 280 14.41 -10.85 -1.86
CA THR A 280 15.75 -10.82 -1.27
C THR A 280 16.65 -9.75 -1.90
N GLN A 281 16.35 -9.36 -3.14
CA GLN A 281 17.02 -8.23 -3.77
C GLN A 281 16.56 -6.89 -3.18
N CYS A 282 15.26 -6.78 -2.89
CA CYS A 282 14.75 -5.60 -2.17
C CYS A 282 15.33 -5.46 -0.77
N TRP A 283 15.74 -6.58 -0.16
CA TRP A 283 16.31 -6.56 1.19
C TRP A 283 17.81 -6.62 1.26
N GLN A 284 18.50 -6.07 0.26
CA GLN A 284 19.96 -5.97 0.33
C GLN A 284 20.28 -4.95 1.40
N HIS A 285 21.33 -5.21 2.17
CA HIS A 285 21.62 -4.43 3.36
C HIS A 285 21.90 -3.00 3.03
N GLN A 286 22.69 -2.80 1.99
CA GLN A 286 23.05 -1.45 1.55
C GLN A 286 22.06 -0.95 0.50
N PRO A 287 21.58 0.30 0.66
CA PRO A 287 20.65 0.94 -0.29
C PRO A 287 21.09 0.87 -1.75
N GLU A 288 22.39 1.09 -2.00
CA GLU A 288 22.94 1.12 -3.35
C GLU A 288 22.73 -0.21 -4.08
N ASP A 289 22.72 -1.31 -3.32
CA ASP A 289 22.62 -2.65 -3.90
C ASP A 289 21.18 -3.09 -4.17
N ARG A 290 20.20 -2.26 -3.81
CA ARG A 290 18.80 -2.59 -4.03
C ARG A 290 18.39 -2.09 -5.39
N PRO A 291 17.56 -2.88 -6.11
CA PRO A 291 17.11 -2.43 -7.41
C PRO A 291 16.10 -1.28 -7.30
N ASN A 292 16.07 -0.42 -8.30
CA ASN A 292 15.06 0.61 -8.39
C ASN A 292 13.78 -0.03 -8.91
N PHE A 293 12.70 0.75 -9.00
CA PHE A 293 11.41 0.18 -9.34
C PHE A 293 11.21 -0.15 -10.82
N ALA A 294 12.03 0.39 -11.72
CA ALA A 294 11.98 -0.06 -13.12
C ALA A 294 12.47 -1.50 -13.20
N ILE A 295 13.53 -1.82 -12.45
CA ILE A 295 14.08 -3.18 -12.45
C ILE A 295 13.09 -4.15 -11.79
N ILE A 296 12.57 -3.77 -10.64
CA ILE A 296 11.54 -4.57 -9.96
C ILE A 296 10.37 -4.88 -10.90
N LEU A 297 9.85 -3.88 -11.59
CA LEU A 297 8.69 -4.06 -12.47
C LEU A 297 9.02 -5.07 -13.57
N GLU A 298 10.18 -4.88 -14.21
CA GLU A 298 10.71 -5.82 -15.22
C GLU A 298 10.80 -7.25 -14.70
N ARG A 299 11.31 -7.42 -13.47
CA ARG A 299 11.43 -8.76 -12.89
C ARG A 299 10.07 -9.38 -12.58
N ILE A 300 9.13 -8.59 -12.08
CA ILE A 300 7.76 -9.08 -11.83
C ILE A 300 7.09 -9.49 -13.13
N GLU A 301 7.38 -8.74 -14.19
CA GLU A 301 6.77 -9.03 -15.50
C GLU A 301 7.33 -10.31 -16.11
N TYR A 302 8.63 -10.55 -15.94
CA TYR A 302 9.27 -11.79 -16.37
C TYR A 302 8.76 -13.01 -15.58
N CYS A 303 8.56 -12.85 -14.27
CA CYS A 303 7.90 -13.88 -13.44
C CYS A 303 6.55 -14.25 -14.03
N THR A 304 5.82 -13.24 -14.43
CA THR A 304 4.49 -13.39 -15.00
C THR A 304 4.49 -14.10 -16.38
N GLN A 305 5.64 -14.16 -17.04
CA GLN A 305 5.79 -14.90 -18.30
C GLN A 305 6.29 -16.34 -18.11
N ASP A 306 6.58 -16.73 -16.87
CA ASP A 306 7.21 -18.03 -16.62
C ASP A 306 6.13 -19.02 -16.25
N PRO A 307 5.94 -20.08 -17.07
CA PRO A 307 4.86 -21.03 -16.77
C PRO A 307 5.04 -21.71 -15.42
N ASP A 308 6.28 -22.02 -15.06
CA ASP A 308 6.58 -22.63 -13.77
C ASP A 308 6.23 -21.72 -12.57
N VAL A 309 6.19 -20.41 -12.77
CA VAL A 309 5.69 -19.53 -11.72
C VAL A 309 4.15 -19.52 -11.70
N ILE A 310 3.55 -19.19 -12.83
CA ILE A 310 2.10 -18.93 -12.88
C ILE A 310 1.24 -20.19 -12.74
N ASN A 311 1.79 -21.36 -13.04
CA ASN A 311 1.06 -22.61 -12.83
C ASN A 311 1.17 -23.16 -11.39
N THR A 312 1.95 -22.51 -10.54
CA THR A 312 2.10 -22.97 -9.17
C THR A 312 0.82 -22.74 -8.36
N ALA A 313 0.37 -23.79 -7.68
CA ALA A 313 -0.81 -23.71 -6.83
C ALA A 313 -0.51 -22.92 -5.56
N LEU A 314 -1.49 -22.19 -5.06
CA LEU A 314 -1.40 -21.54 -3.77
C LEU A 314 -1.69 -22.60 -2.72
N PRO A 315 -1.14 -22.43 -1.50
CA PRO A 315 -1.47 -23.37 -0.45
C PRO A 315 -2.92 -23.24 -0.01
N ILE A 316 -3.50 -24.35 0.44
CA ILE A 316 -4.86 -24.38 0.95
C ILE A 316 -4.81 -24.68 2.44
N GLU A 317 -5.49 -23.84 3.22
CA GLU A 317 -5.44 -23.95 4.67
C GLU A 317 -6.48 -24.97 5.14
N TYR A 318 -6.06 -25.88 6.00
CA TYR A 318 -6.95 -26.89 6.58
C TYR A 318 -7.46 -26.33 7.91
N GLY A 319 -8.73 -25.92 7.92
CA GLY A 319 -9.37 -25.31 9.11
C GLY A 319 -9.01 -25.92 10.46
N PRO A 320 -9.14 -27.25 10.60
CA PRO A 320 -8.85 -27.89 11.90
C PRO A 320 -7.38 -27.86 12.35
N LEU A 321 -6.53 -27.20 11.58
CA LEU A 321 -5.11 -27.00 11.92
C LEU A 321 -4.41 -28.33 12.25
C19 I3K B . -13.97 -0.08 0.60
O18 I3K B . -13.14 0.32 1.72
C13 I3K B . -12.30 1.40 1.59
C14 I3K B . -12.25 2.19 0.42
C12 I3K B . -11.49 1.75 2.66
O16 I3K B . -11.57 0.97 3.78
C17 I3K B . -10.66 1.38 4.85
C15 I3K B . -10.63 2.85 2.59
C6 I3K B . -10.58 3.63 1.41
C7 I3K B . -11.39 3.29 0.33
N8 I3K B . -11.37 4.02 -0.80
C9 I3K B . -10.58 5.07 -0.93
C10 I3K B . -9.74 5.46 0.11
C11 I3K B . -9.73 4.73 1.30
O20 I3K B . -8.94 5.06 2.38
C21 I3K B . -8.08 6.12 2.36
C22 I3K B . -6.96 6.15 1.52
C24 I3K B . -8.35 7.17 3.23
C23 I3K B . -7.49 8.25 3.26
C1 I3K B . -6.38 8.28 2.42
O5 I3K B . -5.42 9.22 2.26
C2 I3K B . -6.10 7.24 1.53
N3 I3K B . -4.99 7.56 0.84
C4 I3K B . -4.58 8.76 1.30
N25 I3K B . -3.54 9.52 0.94
C26 I3K B . -2.54 9.16 0.16
C27 I3K B . -2.75 8.43 -1.01
C28 I3K B . -1.69 8.10 -1.84
C29 I3K B . -0.41 8.51 -1.50
CL3 I3K B . 0.90 8.08 -2.54
C30 I3K B . -0.18 9.26 -0.34
C31 I3K B . -1.25 9.59 0.48
#